data_4HWI
#
_entry.id   4HWI
#
_cell.length_a   61.928
_cell.length_b   87.360
_cell.length_c   65.070
_cell.angle_alpha   90.00
_cell.angle_beta   109.18
_cell.angle_gamma   90.00
#
_symmetry.space_group_name_H-M   'P 1 21 1'
#
loop_
_entity.id
_entity.type
_entity.pdbx_description
1 polymer 'Heat shock cognate 71 kDa protein'
2 polymer 'BAG family molecular chaperone regulator 1'
3 water water
#
loop_
_entity_poly.entity_id
_entity_poly.type
_entity_poly.pdbx_seq_one_letter_code
_entity_poly.pdbx_strand_id
1 'polypeptide(L)'
;PAVGIDLGTTYSCVGVFQHGKVEIIANDQGNRTTPSYVAFTDTERLIGDAAKNQVAMNPTNTVFDAKRLIGRRFDDAVVQ
SDMKHWPFMVVNDAGRPKVQVEYKGETKSFYPEEVSSMVLTKMKEIAEAYLGKTVTNAVVTVPAYFNDSQRQATKDAGTI
AGLNVLRIINEPTAAAIAYGLDKKVGAERNVLIFDLGGGTFDVSILTIEDGIFEVKSTAGDTHLGGEDFDNRMVNHFIAE
FKRKHKKDISENKRAVRRLRTACERAKRTLSSSTQASIEIDSLYEGIDFYTSITRARFEELNADLFRGTLDPVEKALRDA
KLDKSQIHDIVLVGGSTRIPKIQKLLQDFFNGKELNKSINPDEAVAYGAAVQAAILS
;
A
2 'polypeptide(L)'
;SMIRVRIKYGAVYHEINISPQASFGELKKMLTGPTGIHHQDQKLMYKDKERDSKAFLDVSGVKDKSKMVLIEDPLSQEKR
FLEMRKIAKTEKASKAISDISLEVDRLGGRVSAFEMVTKKGGKIAEKDLVTVIELLMNELIKLDAIVAEGDVKLQRKMQV
KRVQNYVETLDALKVKNS
;
B
#
# COMPACT_ATOMS: atom_id res chain seq x y z
N ALA A 2 -13.93 21.26 14.59
CA ALA A 2 -13.49 21.57 13.23
C ALA A 2 -12.31 20.71 12.74
N VAL A 3 -12.28 20.40 11.44
CA VAL A 3 -11.33 19.41 10.92
C VAL A 3 -10.44 20.03 9.86
N GLY A 4 -9.28 19.41 9.64
CA GLY A 4 -8.41 19.78 8.54
C GLY A 4 -8.40 18.65 7.53
N ILE A 5 -8.51 18.99 6.26
CA ILE A 5 -8.57 17.97 5.24
C ILE A 5 -7.50 18.18 4.18
N ASP A 6 -6.65 17.18 3.98
CA ASP A 6 -5.70 17.19 2.88
C ASP A 6 -6.43 16.62 1.68
N LEU A 7 -6.80 17.47 0.73
CA LEU A 7 -7.54 17.02 -0.44
C LEU A 7 -6.52 16.73 -1.52
N GLY A 8 -6.10 15.47 -1.58
CA GLY A 8 -4.97 15.09 -2.40
C GLY A 8 -5.35 14.58 -3.77
N THR A 9 -4.38 14.57 -4.67
CA THR A 9 -4.67 14.25 -6.07
C THR A 9 -5.12 12.79 -6.25
N THR A 10 -4.53 11.87 -5.49
CA THR A 10 -4.86 10.43 -5.54
C THR A 10 -5.46 9.93 -4.22
N TYR A 11 -5.08 10.54 -3.11
CA TYR A 11 -5.66 10.22 -1.81
C TYR A 11 -5.91 11.47 -0.95
N SER A 12 -6.83 11.36 0.00
CA SER A 12 -7.15 12.46 0.90
C SER A 12 -7.11 11.97 2.33
N CYS A 13 -6.96 12.89 3.27
CA CYS A 13 -6.71 12.54 4.66
C CYS A 13 -7.36 13.58 5.54
N VAL A 14 -7.95 13.16 6.64
CA VAL A 14 -8.66 14.10 7.49
C VAL A 14 -8.19 13.96 8.93
N GLY A 15 -7.97 15.09 9.59
CA GLY A 15 -7.54 15.09 10.97
C GLY A 15 -8.42 15.99 11.82
N VAL A 16 -8.44 15.73 13.11
CA VAL A 16 -9.20 16.58 14.01
C VAL A 16 -8.45 16.79 15.30
N PHE A 17 -8.37 18.06 15.69
CA PHE A 17 -7.62 18.44 16.87
C PHE A 17 -8.51 18.37 18.10
N GLN A 18 -8.34 17.31 18.88
CA GLN A 18 -9.11 17.10 20.10
C GLN A 18 -8.23 16.87 21.33
N HIS A 19 -8.68 17.41 22.47
CA HIS A 19 -7.95 17.23 23.73
C HIS A 19 -6.49 17.63 23.54
N GLY A 20 -6.29 18.81 22.96
CA GLY A 20 -4.96 19.35 22.82
C GLY A 20 -4.03 18.54 21.95
N LYS A 21 -4.60 17.75 21.06
CA LYS A 21 -3.78 16.89 20.21
C LYS A 21 -4.52 16.60 18.90
N VAL A 22 -3.77 16.47 17.80
CA VAL A 22 -4.41 16.02 16.57
C VAL A 22 -4.58 14.50 16.50
N GLU A 23 -5.78 14.07 16.13
CA GLU A 23 -5.99 12.67 15.73
C GLU A 23 -6.26 12.64 14.22
N ILE A 24 -5.49 11.83 13.49
CA ILE A 24 -5.81 11.47 12.10
C ILE A 24 -6.81 10.31 12.08
N ILE A 25 -7.89 10.45 11.31
CA ILE A 25 -9.04 9.57 11.45
C ILE A 25 -9.09 8.44 10.40
N ALA A 26 -9.17 7.21 10.87
CA ALA A 26 -9.23 6.08 9.93
C ALA A 26 -10.65 5.94 9.38
N ASN A 27 -10.78 5.49 8.13
CA ASN A 27 -12.11 5.28 7.57
C ASN A 27 -12.68 3.92 7.99
N ASP A 28 -13.76 3.51 7.33
CA ASP A 28 -14.44 2.26 7.67
C ASP A 28 -13.56 1.01 7.56
N GLN A 29 -12.68 0.99 6.55
CA GLN A 29 -11.79 -0.16 6.36
C GLN A 29 -10.57 -0.07 7.28
N GLY A 30 -10.50 0.99 8.07
CA GLY A 30 -9.40 1.18 9.00
C GLY A 30 -8.21 1.92 8.42
N ASN A 31 -8.41 2.57 7.27
CA ASN A 31 -7.31 3.27 6.59
C ASN A 31 -7.29 4.77 6.91
N ARG A 32 -6.11 5.29 7.24
CA ARG A 32 -5.99 6.70 7.60
C ARG A 32 -5.88 7.63 6.38
N THR A 33 -5.83 7.04 5.18
CA THR A 33 -6.01 7.81 3.95
C THR A 33 -7.08 7.17 3.08
N THR A 34 -7.77 7.99 2.30
CA THR A 34 -8.87 7.55 1.47
C THR A 34 -8.67 8.02 0.04
N PRO A 35 -8.65 7.07 -0.92
CA PRO A 35 -8.48 7.36 -2.35
C PRO A 35 -9.45 8.44 -2.84
N SER A 36 -8.91 9.41 -3.57
CA SER A 36 -9.72 10.50 -4.11
C SER A 36 -10.42 10.02 -5.38
N TYR A 37 -11.24 9.00 -5.22
CA TYR A 37 -11.85 8.32 -6.36
C TYR A 37 -13.37 8.29 -6.22
N VAL A 38 -14.07 8.63 -7.29
CA VAL A 38 -15.51 8.54 -7.35
C VAL A 38 -15.88 7.67 -8.55
N ALA A 39 -16.64 6.60 -8.32
CA ALA A 39 -17.04 5.70 -9.40
C ALA A 39 -18.54 5.69 -9.57
N PHE A 40 -18.96 5.65 -10.83
CA PHE A 40 -20.37 5.65 -11.16
C PHE A 40 -20.75 4.32 -11.80
N THR A 41 -21.84 3.74 -11.32
CA THR A 41 -22.35 2.49 -11.88
C THR A 41 -23.80 2.68 -12.33
N ASP A 42 -24.39 1.65 -12.92
CA ASP A 42 -25.78 1.77 -13.34
C ASP A 42 -26.74 1.80 -12.14
N THR A 43 -26.28 1.29 -11.01
CA THR A 43 -27.08 1.26 -9.79
C THR A 43 -26.76 2.37 -8.78
N GLU A 44 -25.48 2.65 -8.56
CA GLU A 44 -25.07 3.56 -7.50
C GLU A 44 -23.86 4.45 -7.81
N ARG A 45 -23.41 5.16 -6.78
CA ARG A 45 -22.22 6.02 -6.89
C ARG A 45 -21.30 5.71 -5.71
N LEU A 46 -20.07 5.31 -6.01
CA LEU A 46 -19.12 4.95 -4.95
C LEU A 46 -18.04 6.01 -4.76
N ILE A 47 -17.55 6.12 -3.53
CA ILE A 47 -16.50 7.09 -3.25
C ILE A 47 -15.45 6.41 -2.38
N GLY A 48 -14.18 6.70 -2.67
CA GLY A 48 -13.08 6.22 -1.86
C GLY A 48 -12.55 4.85 -2.22
N ASP A 49 -12.37 4.02 -1.18
CA ASP A 49 -11.81 2.68 -1.35
C ASP A 49 -12.68 1.80 -2.23
N ALA A 50 -13.99 1.93 -2.07
CA ALA A 50 -14.95 1.12 -2.83
C ALA A 50 -14.89 1.50 -4.31
N ALA A 51 -14.60 2.77 -4.57
CA ALA A 51 -14.43 3.23 -5.94
C ALA A 51 -13.12 2.71 -6.52
N LYS A 52 -12.01 2.92 -5.82
CA LYS A 52 -10.74 2.42 -6.33
C LYS A 52 -10.74 0.90 -6.48
N ASN A 53 -11.44 0.20 -5.61
CA ASN A 53 -11.44 -1.27 -5.66
C ASN A 53 -12.09 -1.88 -6.90
N GLN A 54 -13.12 -1.25 -7.44
CA GLN A 54 -13.74 -1.79 -8.64
C GLN A 54 -13.30 -1.07 -9.92
N VAL A 55 -12.11 -0.47 -9.91
CA VAL A 55 -11.65 0.29 -11.08
C VAL A 55 -11.41 -0.60 -12.33
N ALA A 56 -10.63 -1.67 -12.19
CA ALA A 56 -10.45 -2.60 -13.30
C ALA A 56 -11.79 -3.10 -13.83
N MET A 57 -12.76 -3.22 -12.93
CA MET A 57 -14.12 -3.65 -13.26
C MET A 57 -14.76 -2.58 -14.17
N ASN A 58 -14.71 -1.32 -13.74
CA ASN A 58 -15.52 -0.26 -14.34
C ASN A 58 -14.71 1.02 -14.64
N PRO A 59 -13.70 0.91 -15.50
CA PRO A 59 -12.63 1.89 -15.67
C PRO A 59 -13.04 3.22 -16.31
N THR A 60 -13.98 3.21 -17.24
CA THR A 60 -14.26 4.45 -17.93
C THR A 60 -15.27 5.28 -17.14
N ASN A 61 -15.78 4.71 -16.05
CA ASN A 61 -16.74 5.42 -15.23
C ASN A 61 -16.25 5.71 -13.82
N THR A 62 -14.96 5.48 -13.61
CA THR A 62 -14.35 5.70 -12.32
C THR A 62 -13.43 6.90 -12.43
N VAL A 63 -13.84 7.99 -11.80
CA VAL A 63 -13.12 9.25 -11.93
C VAL A 63 -12.07 9.42 -10.86
N PHE A 64 -10.90 9.94 -11.25
CA PHE A 64 -9.81 10.26 -10.32
C PHE A 64 -8.99 11.43 -10.89
N ASP A 65 -7.97 11.90 -10.16
CA ASP A 65 -7.15 12.99 -10.69
C ASP A 65 -7.92 14.29 -10.96
N ALA A 66 -9.13 14.41 -10.42
CA ALA A 66 -9.94 15.62 -10.59
C ALA A 66 -9.15 16.88 -10.23
N LYS A 67 -8.28 16.78 -9.24
CA LYS A 67 -7.42 17.90 -8.83
C LYS A 67 -6.60 18.44 -10.01
N ARG A 68 -6.23 17.59 -10.97
CA ARG A 68 -5.46 18.07 -12.13
C ARG A 68 -6.31 18.91 -13.11
N LEU A 69 -7.62 18.94 -12.92
CA LEU A 69 -8.50 19.71 -13.79
C LEU A 69 -9.00 20.98 -13.13
N ILE A 70 -9.08 20.97 -11.82
CA ILE A 70 -9.66 22.10 -11.08
C ILE A 70 -9.03 23.42 -11.49
N GLY A 71 -9.87 24.37 -11.89
CA GLY A 71 -9.40 25.69 -12.32
C GLY A 71 -8.73 25.76 -13.69
N ARG A 72 -8.70 24.65 -14.40
CA ARG A 72 -8.06 24.62 -15.71
C ARG A 72 -9.02 24.96 -16.85
N ARG A 73 -8.46 25.27 -18.02
CA ARG A 73 -9.23 25.46 -19.25
C ARG A 73 -9.14 24.20 -20.07
N PHE A 74 -10.24 23.87 -20.75
CA PHE A 74 -10.26 22.73 -21.65
C PHE A 74 -9.09 22.87 -22.62
N ASP A 75 -8.85 24.09 -23.07
CA ASP A 75 -7.75 24.39 -24.02
C ASP A 75 -6.36 24.01 -23.54
N ASP A 76 -6.12 24.06 -22.22
CA ASP A 76 -4.75 23.91 -21.69
C ASP A 76 -4.05 22.68 -22.24
N ALA A 77 -2.84 22.91 -22.75
CA ALA A 77 -2.06 21.86 -23.35
C ALA A 77 -1.99 20.66 -22.41
N VAL A 78 -1.78 20.93 -21.13
CA VAL A 78 -1.62 19.86 -20.16
C VAL A 78 -2.90 19.06 -20.00
N VAL A 79 -4.05 19.72 -20.04
CA VAL A 79 -5.33 19.01 -20.00
C VAL A 79 -5.45 18.10 -21.22
N GLN A 80 -5.30 18.67 -22.41
CA GLN A 80 -5.46 17.89 -23.64
C GLN A 80 -4.49 16.73 -23.63
N SER A 81 -3.31 16.95 -23.07
CA SER A 81 -2.31 15.91 -22.96
C SER A 81 -2.75 14.84 -21.94
N ASP A 82 -3.20 15.27 -20.76
CA ASP A 82 -3.64 14.30 -19.73
C ASP A 82 -4.82 13.43 -20.20
N MET A 83 -5.69 13.99 -21.03
CA MET A 83 -6.89 13.30 -21.45
C MET A 83 -6.59 11.99 -22.19
N LYS A 84 -5.44 11.94 -22.87
CA LYS A 84 -5.10 10.76 -23.65
C LYS A 84 -4.75 9.58 -22.75
N HIS A 85 -4.50 9.87 -21.46
CA HIS A 85 -4.10 8.84 -20.51
C HIS A 85 -5.25 8.38 -19.58
N TRP A 86 -6.14 9.28 -19.20
CA TRP A 86 -7.28 8.94 -18.35
C TRP A 86 -8.27 8.12 -19.17
N PRO A 87 -8.85 7.06 -18.58
CA PRO A 87 -9.85 6.24 -19.27
C PRO A 87 -11.23 6.88 -19.27
N PHE A 88 -11.47 7.81 -18.36
CA PHE A 88 -12.75 8.52 -18.37
C PHE A 88 -12.72 9.71 -19.33
N MET A 89 -13.89 10.21 -19.68
CA MET A 89 -13.94 11.30 -20.63
C MET A 89 -13.85 12.66 -20.00
N VAL A 90 -13.47 13.63 -20.82
CA VAL A 90 -13.40 15.01 -20.43
C VAL A 90 -13.97 15.78 -21.60
N VAL A 91 -14.99 16.58 -21.35
CA VAL A 91 -15.65 17.32 -22.42
C VAL A 91 -15.60 18.80 -22.11
N ASN A 92 -15.87 19.61 -23.13
CA ASN A 92 -15.76 21.05 -23.04
C ASN A 92 -17.10 21.70 -22.77
N ASP A 93 -17.18 22.48 -21.69
CA ASP A 93 -18.40 23.22 -21.37
C ASP A 93 -18.11 24.73 -21.38
N ALA A 94 -18.23 25.35 -22.55
CA ALA A 94 -17.91 26.77 -22.70
C ALA A 94 -16.51 27.07 -22.19
N GLY A 95 -15.52 26.34 -22.67
CA GLY A 95 -14.13 26.54 -22.27
C GLY A 95 -13.72 25.78 -21.02
N ARG A 96 -14.71 25.36 -20.23
CA ARG A 96 -14.43 24.66 -18.98
C ARG A 96 -14.47 23.14 -19.16
N PRO A 97 -13.51 22.43 -18.54
CA PRO A 97 -13.50 20.96 -18.55
C PRO A 97 -14.51 20.32 -17.62
N LYS A 98 -15.13 19.24 -18.08
CA LYS A 98 -15.97 18.44 -17.21
C LYS A 98 -15.70 16.98 -17.49
N VAL A 99 -15.66 16.16 -16.44
CA VAL A 99 -15.53 14.73 -16.62
C VAL A 99 -16.90 14.21 -17.04
N GLN A 100 -16.91 13.19 -17.90
CA GLN A 100 -18.14 12.64 -18.45
C GLN A 100 -18.19 11.13 -18.31
N VAL A 101 -19.28 10.62 -17.75
CA VAL A 101 -19.39 9.20 -17.43
C VAL A 101 -20.81 8.70 -17.68
N GLU A 102 -21.00 7.39 -17.56
CA GLU A 102 -22.32 6.79 -17.66
C GLU A 102 -22.78 6.49 -16.25
N TYR A 103 -23.90 7.09 -15.86
CA TYR A 103 -24.45 6.90 -14.53
C TYR A 103 -25.93 6.49 -14.58
N LYS A 104 -26.25 5.31 -14.05
CA LYS A 104 -27.62 4.80 -14.13
C LYS A 104 -28.16 4.88 -15.57
N GLY A 105 -27.37 4.41 -16.52
CA GLY A 105 -27.78 4.37 -17.92
C GLY A 105 -27.66 5.67 -18.71
N GLU A 106 -27.62 6.80 -18.03
CA GLU A 106 -27.53 8.10 -18.69
C GLU A 106 -26.11 8.66 -18.75
N THR A 107 -25.89 9.58 -19.68
CA THR A 107 -24.62 10.28 -19.78
C THR A 107 -24.65 11.54 -18.91
N LYS A 108 -23.77 11.59 -17.93
CA LYS A 108 -23.68 12.73 -17.02
C LYS A 108 -22.27 13.33 -17.02
N SER A 109 -22.18 14.64 -16.77
CA SER A 109 -20.89 15.30 -16.71
C SER A 109 -20.77 16.13 -15.43
N PHE A 110 -19.58 16.18 -14.87
CA PHE A 110 -19.37 16.87 -13.60
C PHE A 110 -18.18 17.80 -13.65
N TYR A 111 -18.33 18.98 -13.08
CA TYR A 111 -17.19 19.87 -12.97
C TYR A 111 -16.18 19.24 -12.01
N PRO A 112 -14.89 19.49 -12.24
CA PRO A 112 -13.85 18.96 -11.36
C PRO A 112 -14.16 19.24 -9.88
N GLU A 113 -14.73 20.40 -9.59
CA GLU A 113 -15.01 20.73 -8.21
C GLU A 113 -16.17 19.90 -7.67
N GLU A 114 -17.11 19.55 -8.53
CA GLU A 114 -18.21 18.71 -8.08
C GLU A 114 -17.71 17.33 -7.64
N VAL A 115 -16.74 16.80 -8.38
CA VAL A 115 -16.13 15.52 -8.03
C VAL A 115 -15.38 15.68 -6.70
N SER A 116 -14.70 16.82 -6.54
CA SER A 116 -13.99 17.08 -5.29
C SER A 116 -14.93 17.25 -4.10
N SER A 117 -16.06 17.93 -4.31
CA SER A 117 -17.07 18.04 -3.25
C SER A 117 -17.50 16.66 -2.78
N MET A 118 -17.50 15.69 -3.67
CA MET A 118 -17.88 14.33 -3.29
C MET A 118 -16.81 13.66 -2.45
N VAL A 119 -15.55 13.86 -2.80
CA VAL A 119 -14.45 13.36 -1.97
C VAL A 119 -14.49 14.06 -0.61
N LEU A 120 -14.73 15.37 -0.62
CA LEU A 120 -14.78 16.09 0.65
C LEU A 120 -15.90 15.57 1.55
N THR A 121 -17.06 15.30 0.97
CA THR A 121 -18.19 14.78 1.76
C THR A 121 -17.79 13.51 2.48
N LYS A 122 -17.08 12.66 1.77
CA LYS A 122 -16.62 11.42 2.35
C LYS A 122 -15.62 11.67 3.47
N MET A 123 -14.67 12.58 3.24
CA MET A 123 -13.70 12.88 4.30
C MET A 123 -14.45 13.46 5.48
N LYS A 124 -15.46 14.29 5.19
CA LYS A 124 -16.32 14.79 6.24
C LYS A 124 -16.93 13.62 7.01
N GLU A 125 -17.56 12.71 6.28
CA GLU A 125 -18.31 11.61 6.90
C GLU A 125 -17.41 10.68 7.72
N ILE A 126 -16.22 10.41 7.21
CA ILE A 126 -15.21 9.70 7.98
C ILE A 126 -14.98 10.33 9.37
N ALA A 127 -14.88 11.66 9.42
CA ALA A 127 -14.65 12.34 10.70
C ALA A 127 -15.90 12.26 11.58
N GLU A 128 -17.04 12.63 11.02
CA GLU A 128 -18.31 12.54 11.72
C GLU A 128 -18.52 11.15 12.29
N ALA A 129 -18.26 10.13 11.48
CA ALA A 129 -18.42 8.74 11.91
C ALA A 129 -17.62 8.50 13.18
N TYR A 130 -16.45 9.11 13.23
CA TYR A 130 -15.54 8.96 14.33
C TYR A 130 -16.02 9.74 15.56
N LEU A 131 -16.59 10.91 15.33
CA LEU A 131 -16.95 11.79 16.45
C LEU A 131 -18.36 11.54 16.95
N GLY A 132 -19.14 10.79 16.18
CA GLY A 132 -20.55 10.63 16.48
C GLY A 132 -21.31 11.95 16.45
N LYS A 133 -20.71 12.96 15.83
CA LYS A 133 -21.34 14.27 15.77
C LYS A 133 -21.06 14.91 14.42
N THR A 134 -22.06 15.62 13.92
CA THR A 134 -21.95 16.25 12.62
C THR A 134 -20.75 17.23 12.57
N VAL A 135 -20.14 17.37 11.39
CA VAL A 135 -18.99 18.24 11.21
C VAL A 135 -19.35 19.36 10.25
N THR A 136 -19.14 20.59 10.69
CA THR A 136 -19.62 21.77 9.95
C THR A 136 -18.49 22.67 9.42
N ASN A 137 -17.37 22.72 10.14
CA ASN A 137 -16.29 23.65 9.81
C ASN A 137 -14.99 22.95 9.47
N ALA A 138 -14.25 23.50 8.52
CA ALA A 138 -13.03 22.84 8.06
C ALA A 138 -11.99 23.78 7.48
N VAL A 139 -10.74 23.36 7.57
CA VAL A 139 -9.67 23.92 6.78
C VAL A 139 -9.32 22.91 5.71
N VAL A 140 -9.24 23.36 4.46
CA VAL A 140 -8.86 22.46 3.37
C VAL A 140 -7.61 22.97 2.68
N THR A 141 -6.66 22.08 2.39
CA THR A 141 -5.39 22.48 1.74
C THR A 141 -5.34 22.35 0.20
N VAL A 142 -4.44 23.13 -0.40
CA VAL A 142 -4.17 23.10 -1.84
C VAL A 142 -2.67 23.36 -2.07
N PRO A 143 -2.15 22.98 -3.24
CA PRO A 143 -0.74 23.24 -3.54
C PRO A 143 -0.45 24.74 -3.56
N ALA A 144 0.77 25.14 -3.20
CA ALA A 144 1.11 26.56 -3.12
C ALA A 144 0.92 27.32 -4.43
N TYR A 145 1.13 26.65 -5.55
CA TYR A 145 1.04 27.31 -6.86
C TYR A 145 -0.40 27.53 -7.38
N PHE A 146 -1.39 27.08 -6.63
CA PHE A 146 -2.77 27.34 -6.99
C PHE A 146 -3.07 28.83 -7.05
N ASN A 147 -3.80 29.24 -8.07
CA ASN A 147 -4.23 30.63 -8.20
C ASN A 147 -5.57 30.86 -7.53
N ASP A 148 -6.03 32.10 -7.51
CA ASP A 148 -7.24 32.42 -6.76
C ASP A 148 -8.45 31.70 -7.34
N SER A 149 -8.38 31.37 -8.62
CA SER A 149 -9.45 30.66 -9.28
C SER A 149 -9.50 29.23 -8.75
N GLN A 150 -8.35 28.56 -8.79
CA GLN A 150 -8.22 27.21 -8.25
C GLN A 150 -8.55 27.15 -6.76
N ARG A 151 -8.15 28.16 -6.00
CA ARG A 151 -8.45 28.18 -4.58
C ARG A 151 -9.96 28.29 -4.36
N GLN A 152 -10.60 29.17 -5.12
CA GLN A 152 -12.03 29.40 -4.96
C GLN A 152 -12.83 28.13 -5.30
N ALA A 153 -12.43 27.45 -6.36
CA ALA A 153 -13.12 26.25 -6.79
C ALA A 153 -13.03 25.18 -5.70
N THR A 154 -11.85 25.05 -5.11
CA THR A 154 -11.66 24.12 -4.00
C THR A 154 -12.56 24.50 -2.84
N LYS A 155 -12.67 25.80 -2.58
CA LYS A 155 -13.55 26.26 -1.52
C LYS A 155 -15.00 25.90 -1.80
N ASP A 156 -15.43 26.12 -3.05
CA ASP A 156 -16.80 25.82 -3.45
C ASP A 156 -17.07 24.34 -3.26
N ALA A 157 -16.06 23.53 -3.55
CA ALA A 157 -16.20 22.11 -3.33
C ALA A 157 -16.56 21.86 -1.87
N GLY A 158 -15.85 22.52 -0.96
CA GLY A 158 -16.14 22.37 0.45
C GLY A 158 -17.58 22.79 0.71
N THR A 159 -17.95 23.94 0.16
CA THR A 159 -19.25 24.51 0.42
C THR A 159 -20.37 23.55 0.00
N ILE A 160 -20.28 23.03 -1.22
CA ILE A 160 -21.25 22.02 -1.70
C ILE A 160 -21.34 20.81 -0.78
N ALA A 161 -20.20 20.42 -0.20
CA ALA A 161 -20.14 19.26 0.69
C ALA A 161 -20.69 19.59 2.08
N GLY A 162 -21.21 20.80 2.24
CA GLY A 162 -21.76 21.19 3.53
C GLY A 162 -20.71 21.58 4.54
N LEU A 163 -19.58 22.05 4.04
CA LEU A 163 -18.53 22.51 4.93
C LEU A 163 -18.37 24.04 4.82
N ASN A 164 -18.35 24.70 5.97
CA ASN A 164 -17.84 26.07 6.03
C ASN A 164 -16.32 26.00 6.01
N VAL A 165 -15.72 26.43 4.90
CA VAL A 165 -14.27 26.40 4.80
C VAL A 165 -13.68 27.61 5.53
N LEU A 166 -13.21 27.40 6.74
CA LEU A 166 -12.64 28.51 7.50
C LEU A 166 -11.57 29.16 6.63
N ARG A 167 -10.68 28.34 6.08
CA ARG A 167 -9.62 28.87 5.24
C ARG A 167 -9.00 27.82 4.34
N ILE A 168 -8.58 28.24 3.16
CA ILE A 168 -7.77 27.44 2.26
C ILE A 168 -6.31 27.78 2.51
N ILE A 169 -5.50 26.83 2.94
CA ILE A 169 -4.07 27.10 3.14
C ILE A 169 -3.19 26.21 2.26
N ASN A 170 -1.96 26.63 2.03
CA ASN A 170 -1.03 25.86 1.20
C ASN A 170 -0.56 24.59 1.87
N GLU A 171 -0.37 23.55 1.07
CA GLU A 171 0.06 22.26 1.59
C GLU A 171 1.42 22.35 2.30
N PRO A 172 2.41 23.01 1.68
CA PRO A 172 3.73 23.12 2.35
C PRO A 172 3.59 23.88 3.67
N THR A 173 2.74 24.88 3.69
CA THR A 173 2.51 25.64 4.91
C THR A 173 1.87 24.74 5.96
N ALA A 174 0.85 23.98 5.56
CA ALA A 174 0.25 22.98 6.43
C ALA A 174 1.30 22.06 7.04
N ALA A 175 2.19 21.55 6.19
CA ALA A 175 3.24 20.68 6.67
C ALA A 175 4.19 21.36 7.69
N ALA A 176 4.56 22.61 7.42
CA ALA A 176 5.46 23.33 8.33
C ALA A 176 4.78 23.53 9.68
N ILE A 177 3.48 23.78 9.63
CA ILE A 177 2.68 23.93 10.83
C ILE A 177 2.68 22.65 11.65
N ALA A 178 2.56 21.51 10.97
CA ALA A 178 2.52 20.22 11.66
C ALA A 178 3.78 20.03 12.52
N TYR A 179 4.91 20.56 12.03
CA TYR A 179 6.19 20.44 12.70
C TYR A 179 6.52 21.60 13.67
N GLY A 180 5.54 22.48 13.89
CA GLY A 180 5.71 23.61 14.79
C GLY A 180 6.74 24.66 14.37
N LEU A 181 7.15 24.64 13.11
CA LEU A 181 8.24 25.54 12.67
C LEU A 181 7.94 27.01 12.96
N ASP A 182 6.68 27.41 12.88
CA ASP A 182 6.28 28.78 13.17
C ASP A 182 6.48 29.15 14.65
N LYS A 183 6.59 28.15 15.50
CA LYS A 183 6.75 28.42 16.92
C LYS A 183 8.21 28.37 17.34
N LYS A 184 9.09 28.22 16.35
CA LYS A 184 10.52 28.33 16.57
C LYS A 184 10.86 29.82 16.57
N VAL A 185 10.58 30.45 17.71
CA VAL A 185 10.56 31.89 17.86
C VAL A 185 11.91 32.60 17.61
N GLY A 186 11.82 33.82 17.08
CA GLY A 186 13.00 34.64 16.89
C GLY A 186 13.11 35.20 15.49
N ALA A 187 14.28 35.02 14.89
CA ALA A 187 14.53 35.53 13.54
C ALA A 187 13.73 34.76 12.51
N GLU A 188 13.45 35.40 11.39
CA GLU A 188 12.67 34.74 10.33
C GLU A 188 13.37 33.43 9.97
N ARG A 189 12.61 32.46 9.49
CA ARG A 189 13.19 31.18 9.15
C ARG A 189 12.83 30.87 7.69
N ASN A 190 13.80 30.35 6.94
CA ASN A 190 13.53 29.80 5.60
C ASN A 190 13.33 28.30 5.68
N VAL A 191 12.22 27.84 5.11
CA VAL A 191 11.82 26.44 5.17
C VAL A 191 11.71 25.84 3.79
N LEU A 192 12.36 24.71 3.58
CA LEU A 192 12.15 24.00 2.34
C LEU A 192 11.27 22.77 2.54
N ILE A 193 10.15 22.72 1.83
CA ILE A 193 9.26 21.56 1.88
C ILE A 193 9.46 20.72 0.63
N PHE A 194 9.88 19.48 0.85
CA PHE A 194 10.16 18.56 -0.23
C PHE A 194 9.06 17.49 -0.24
N ASP A 195 8.08 17.66 -1.13
CA ASP A 195 6.85 16.84 -1.12
C ASP A 195 6.80 15.90 -2.32
N LEU A 196 7.22 14.65 -2.11
CA LEU A 196 7.27 13.68 -3.19
C LEU A 196 6.21 12.60 -2.95
N GLY A 197 5.06 12.75 -3.60
CA GLY A 197 3.96 11.82 -3.34
C GLY A 197 2.65 12.21 -3.99
N GLY A 198 1.79 11.21 -4.16
CA GLY A 198 0.52 11.40 -4.86
C GLY A 198 0.70 11.77 -6.31
N GLY A 199 1.67 11.16 -7.01
CA GLY A 199 1.85 11.35 -8.44
C GLY A 199 2.40 12.70 -8.85
N THR A 200 2.79 13.50 -7.85
CA THR A 200 3.37 14.80 -8.09
C THR A 200 4.60 14.97 -7.19
N PHE A 201 5.45 15.90 -7.57
CA PHE A 201 6.65 16.26 -6.81
C PHE A 201 6.66 17.77 -6.75
N ASP A 202 6.54 18.28 -5.53
CA ASP A 202 6.57 19.72 -5.30
C ASP A 202 7.66 20.09 -4.30
N VAL A 203 8.49 21.07 -4.67
CA VAL A 203 9.42 21.71 -3.74
C VAL A 203 8.92 23.11 -3.45
N SER A 204 8.76 23.46 -2.18
CA SER A 204 8.34 24.80 -1.86
C SER A 204 9.29 25.46 -0.88
N ILE A 205 9.54 26.75 -1.07
CA ILE A 205 10.28 27.51 -0.07
C ILE A 205 9.41 28.58 0.56
N LEU A 206 9.40 28.58 1.90
CA LEU A 206 8.62 29.53 2.64
C LEU A 206 9.57 30.29 3.54
N THR A 207 9.16 31.49 3.91
CA THR A 207 9.78 32.20 5.01
C THR A 207 8.72 32.38 6.07
N ILE A 208 9.07 32.10 7.32
CA ILE A 208 8.19 32.40 8.43
C ILE A 208 8.78 33.53 9.24
N GLU A 209 7.98 34.56 9.52
CA GLU A 209 8.41 35.68 10.36
C GLU A 209 7.42 35.96 11.44
N ASP A 210 7.80 35.74 12.70
CA ASP A 210 6.86 35.90 13.85
C ASP A 210 5.55 35.20 13.47
N GLY A 211 5.63 33.94 13.05
CA GLY A 211 4.44 33.15 12.78
C GLY A 211 3.64 33.58 11.56
N ILE A 212 4.16 34.49 10.76
CA ILE A 212 3.51 34.79 9.49
C ILE A 212 4.25 34.03 8.38
N PHE A 213 3.48 33.39 7.52
CA PHE A 213 4.02 32.58 6.44
C PHE A 213 4.02 33.31 5.11
N GLU A 214 5.08 33.14 4.33
CA GLU A 214 5.14 33.69 2.98
C GLU A 214 5.79 32.69 2.04
N VAL A 215 5.20 32.48 0.88
CA VAL A 215 5.76 31.54 -0.08
C VAL A 215 6.78 32.24 -0.96
N LYS A 216 8.02 31.79 -0.91
CA LYS A 216 9.05 32.49 -1.66
C LYS A 216 9.19 31.94 -3.05
N SER A 217 8.97 30.64 -3.20
CA SER A 217 9.09 30.03 -4.51
C SER A 217 8.56 28.59 -4.53
N THR A 218 8.09 28.16 -5.68
CA THR A 218 7.66 26.78 -5.89
C THR A 218 8.33 26.22 -7.13
N ALA A 219 8.60 24.92 -7.10
CA ALA A 219 9.15 24.23 -8.26
C ALA A 219 8.78 22.76 -8.14
N GLY A 220 9.02 22.00 -9.20
CA GLY A 220 8.81 20.57 -9.13
C GLY A 220 8.41 19.95 -10.44
N ASP A 221 7.74 18.79 -10.36
CA ASP A 221 7.33 18.08 -11.56
C ASP A 221 5.97 17.47 -11.27
N THR A 222 4.97 17.90 -12.03
CA THR A 222 3.58 17.51 -11.79
C THR A 222 3.29 16.05 -12.16
N HIS A 223 4.23 15.40 -12.84
CA HIS A 223 4.01 14.05 -13.32
C HIS A 223 5.07 13.09 -12.85
N LEU A 224 5.82 13.48 -11.83
CA LEU A 224 6.76 12.57 -11.19
C LEU A 224 6.22 12.10 -9.83
N GLY A 225 6.19 10.78 -9.66
CA GLY A 225 5.79 10.15 -8.42
C GLY A 225 6.25 8.70 -8.36
N GLY A 226 5.74 7.97 -7.36
CA GLY A 226 6.15 6.59 -7.14
C GLY A 226 5.88 5.63 -8.26
N GLU A 227 4.89 5.93 -9.10
CA GLU A 227 4.57 5.05 -10.23
C GLU A 227 5.73 5.00 -11.21
N ASP A 228 6.47 6.10 -11.32
CA ASP A 228 7.62 6.12 -12.20
C ASP A 228 8.63 5.09 -11.72
N PHE A 229 8.81 5.00 -10.41
CA PHE A 229 9.78 4.09 -9.83
C PHE A 229 9.33 2.64 -9.98
N ASP A 230 8.03 2.40 -9.85
CA ASP A 230 7.47 1.06 -10.04
C ASP A 230 7.68 0.63 -11.49
N ASN A 231 7.51 1.57 -12.40
CA ASN A 231 7.66 1.29 -13.82
C ASN A 231 9.06 0.84 -14.21
N ARG A 232 10.07 1.51 -13.66
CA ARG A 232 11.46 1.11 -13.86
C ARG A 232 11.69 -0.30 -13.34
N MET A 233 11.00 -0.65 -12.25
CA MET A 233 11.19 -2.00 -11.71
C MET A 233 10.48 -3.00 -12.61
N VAL A 234 9.28 -2.66 -13.03
CA VAL A 234 8.52 -3.50 -13.92
C VAL A 234 9.32 -3.78 -15.20
N ASN A 235 9.81 -2.72 -15.84
CA ASN A 235 10.52 -2.90 -17.10
C ASN A 235 11.77 -3.74 -16.89
N HIS A 236 12.46 -3.48 -15.79
CA HIS A 236 13.60 -4.29 -15.41
C HIS A 236 13.26 -5.78 -15.41
N PHE A 237 12.12 -6.12 -14.84
CA PHE A 237 11.75 -7.51 -14.67
C PHE A 237 11.23 -8.11 -15.96
N ILE A 238 10.56 -7.28 -16.76
CA ILE A 238 10.19 -7.69 -18.11
C ILE A 238 11.45 -8.09 -18.88
N ALA A 239 12.48 -7.25 -18.81
CA ALA A 239 13.79 -7.58 -19.39
C ALA A 239 14.34 -8.89 -18.84
N GLU A 240 14.26 -9.07 -17.52
CA GLU A 240 14.83 -10.27 -16.89
C GLU A 240 14.15 -11.52 -17.42
N PHE A 241 12.83 -11.47 -17.53
CA PHE A 241 12.08 -12.59 -18.06
C PHE A 241 12.57 -12.93 -19.48
N LYS A 242 12.80 -11.89 -20.28
CA LYS A 242 13.30 -12.08 -21.64
C LYS A 242 14.69 -12.68 -21.69
N ARG A 243 15.57 -12.27 -20.79
CA ARG A 243 16.90 -12.88 -20.70
C ARG A 243 16.88 -14.30 -20.13
N LYS A 244 15.78 -14.67 -19.45
CA LYS A 244 15.71 -16.00 -18.84
C LYS A 244 14.87 -17.03 -19.60
N HIS A 245 13.83 -16.57 -20.30
CA HIS A 245 12.90 -17.50 -20.93
C HIS A 245 12.65 -17.15 -22.39
N LYS A 246 13.42 -16.20 -22.91
CA LYS A 246 13.28 -15.78 -24.29
C LYS A 246 11.83 -15.46 -24.63
N LYS A 247 11.08 -14.96 -23.64
CA LYS A 247 9.70 -14.56 -23.86
C LYS A 247 9.45 -13.12 -23.40
N ASP A 248 8.59 -12.40 -24.13
CA ASP A 248 8.32 -11.00 -23.86
C ASP A 248 6.89 -10.86 -23.35
N ILE A 249 6.73 -10.70 -22.04
CA ILE A 249 5.40 -10.73 -21.44
C ILE A 249 4.63 -9.43 -21.64
N SER A 250 5.29 -8.45 -22.26
CA SER A 250 4.83 -7.06 -22.21
C SER A 250 3.44 -6.82 -22.83
N GLU A 251 2.96 -7.76 -23.62
CA GLU A 251 1.70 -7.59 -24.32
C GLU A 251 0.53 -8.17 -23.55
N ASN A 252 0.81 -9.17 -22.72
CA ASN A 252 -0.18 -9.77 -21.84
C ASN A 252 -0.51 -8.86 -20.66
N LYS A 253 -1.65 -8.20 -20.71
CA LYS A 253 -2.03 -7.23 -19.70
C LYS A 253 -2.21 -7.84 -18.31
N ARG A 254 -2.68 -9.08 -18.26
CA ARG A 254 -2.91 -9.73 -16.98
C ARG A 254 -1.60 -10.00 -16.26
N ALA A 255 -0.60 -10.47 -17.00
CA ALA A 255 0.74 -10.71 -16.49
C ALA A 255 1.42 -9.40 -16.04
N VAL A 256 1.24 -8.33 -16.80
CA VAL A 256 1.85 -7.06 -16.45
C VAL A 256 1.23 -6.50 -15.18
N ARG A 257 -0.10 -6.55 -15.13
CA ARG A 257 -0.82 -6.17 -13.93
C ARG A 257 -0.27 -6.90 -12.71
N ARG A 258 -0.12 -8.22 -12.82
CA ARG A 258 0.42 -9.00 -11.70
C ARG A 258 1.85 -8.57 -11.33
N LEU A 259 2.71 -8.40 -12.33
CA LEU A 259 4.10 -8.02 -12.04
C LEU A 259 4.16 -6.60 -11.50
N ARG A 260 3.30 -5.73 -12.02
CA ARG A 260 3.25 -4.36 -11.53
C ARG A 260 2.90 -4.38 -10.07
N THR A 261 1.80 -5.04 -9.73
CA THR A 261 1.35 -5.16 -8.34
C THR A 261 2.42 -5.77 -7.44
N ALA A 262 3.10 -6.81 -7.92
CA ALA A 262 4.16 -7.38 -7.10
C ALA A 262 5.30 -6.37 -6.94
N CYS A 263 5.58 -5.59 -7.98
CA CYS A 263 6.66 -4.60 -7.92
C CYS A 263 6.37 -3.45 -6.95
N GLU A 264 5.10 -3.08 -6.84
CA GLU A 264 4.69 -2.05 -5.89
C GLU A 264 5.00 -2.53 -4.49
N ARG A 265 4.65 -3.79 -4.20
CA ARG A 265 4.90 -4.36 -2.89
C ARG A 265 6.39 -4.40 -2.57
N ALA A 266 7.17 -4.90 -3.53
CA ALA A 266 8.60 -4.99 -3.39
C ALA A 266 9.22 -3.63 -3.09
N LYS A 267 8.72 -2.59 -3.75
CA LYS A 267 9.27 -1.26 -3.54
C LYS A 267 9.14 -0.84 -2.08
N ARG A 268 7.96 -1.03 -1.51
CA ARG A 268 7.74 -0.65 -0.12
C ARG A 268 8.64 -1.46 0.81
N THR A 269 8.73 -2.76 0.54
CA THR A 269 9.59 -3.65 1.32
C THR A 269 11.04 -3.14 1.29
N LEU A 270 11.47 -2.61 0.14
CA LEU A 270 12.84 -2.09 0.02
C LEU A 270 13.09 -0.78 0.74
N SER A 271 12.04 -0.19 1.29
CA SER A 271 12.24 1.01 2.08
C SER A 271 12.76 0.66 3.48
N SER A 272 12.54 -0.57 3.91
CA SER A 272 12.90 -0.97 5.25
C SER A 272 13.76 -2.23 5.28
N SER A 273 13.90 -2.87 4.12
CA SER A 273 14.83 -3.99 3.98
C SER A 273 15.75 -3.70 2.81
N THR A 274 16.89 -4.40 2.78
CA THR A 274 17.89 -4.19 1.74
C THR A 274 17.66 -5.15 0.56
N GLN A 275 16.67 -6.02 0.67
CA GLN A 275 16.35 -6.94 -0.41
C GLN A 275 14.88 -7.31 -0.37
N ALA A 276 14.28 -7.59 -1.52
CA ALA A 276 12.90 -8.10 -1.54
C ALA A 276 12.78 -9.31 -2.44
N SER A 277 11.88 -10.22 -2.08
CA SER A 277 11.63 -11.41 -2.87
C SER A 277 10.34 -11.29 -3.64
N ILE A 278 10.37 -11.71 -4.90
CA ILE A 278 9.20 -11.68 -5.74
C ILE A 278 8.82 -13.05 -6.26
N GLU A 279 7.55 -13.42 -6.06
CA GLU A 279 7.05 -14.71 -6.53
C GLU A 279 5.68 -14.57 -7.17
N ILE A 280 5.62 -14.89 -8.45
CA ILE A 280 4.37 -14.90 -9.16
C ILE A 280 4.30 -16.27 -9.79
N ASP A 281 3.36 -17.08 -9.33
CA ASP A 281 3.18 -18.42 -9.90
C ASP A 281 2.57 -18.33 -11.30
N SER A 282 3.08 -19.15 -12.21
CA SER A 282 2.54 -19.20 -13.58
C SER A 282 2.23 -17.82 -14.17
N LEU A 283 3.27 -17.00 -14.29
CA LEU A 283 3.14 -15.64 -14.77
C LEU A 283 2.76 -15.58 -16.23
N TYR A 284 3.40 -16.42 -17.05
CA TYR A 284 3.26 -16.34 -18.50
C TYR A 284 3.52 -17.68 -19.18
N GLU A 285 2.52 -18.21 -19.86
CA GLU A 285 2.63 -19.54 -20.45
C GLU A 285 3.10 -20.56 -19.42
N GLY A 286 2.51 -20.50 -18.23
CA GLY A 286 2.74 -21.49 -17.19
C GLY A 286 4.10 -21.39 -16.51
N ILE A 287 4.82 -20.31 -16.80
CA ILE A 287 6.15 -20.13 -16.25
C ILE A 287 6.13 -19.32 -14.95
N ASP A 288 6.52 -19.96 -13.85
CA ASP A 288 6.65 -19.31 -12.55
C ASP A 288 7.72 -18.22 -12.62
N PHE A 289 7.58 -17.19 -11.79
CA PHE A 289 8.60 -16.14 -11.69
C PHE A 289 9.01 -15.95 -10.24
N TYR A 290 10.05 -16.63 -9.83
CA TYR A 290 10.54 -16.57 -8.46
C TYR A 290 11.90 -15.90 -8.48
N THR A 291 11.94 -14.63 -8.11
CA THR A 291 13.17 -13.86 -8.19
C THR A 291 13.23 -12.89 -7.01
N SER A 292 14.13 -11.90 -7.11
CA SER A 292 14.29 -10.94 -6.02
C SER A 292 15.02 -9.69 -6.51
N ILE A 293 15.18 -8.72 -5.62
CA ILE A 293 15.85 -7.47 -5.97
C ILE A 293 16.43 -6.78 -4.74
N THR A 294 17.66 -6.30 -4.88
CA THR A 294 18.31 -5.59 -3.78
C THR A 294 17.92 -4.13 -3.82
N ARG A 295 17.97 -3.47 -2.65
CA ARG A 295 17.74 -2.04 -2.62
C ARG A 295 18.70 -1.36 -3.58
N ALA A 296 19.91 -1.91 -3.66
CA ALA A 296 20.94 -1.31 -4.48
C ALA A 296 20.53 -1.31 -5.93
N ARG A 297 20.02 -2.45 -6.39
CA ARG A 297 19.63 -2.57 -7.79
C ARG A 297 18.42 -1.69 -8.08
N PHE A 298 17.55 -1.52 -7.09
CA PHE A 298 16.40 -0.63 -7.23
C PHE A 298 16.86 0.81 -7.39
N GLU A 299 17.80 1.23 -6.55
CA GLU A 299 18.38 2.57 -6.64
C GLU A 299 19.01 2.81 -8.00
N GLU A 300 19.81 1.86 -8.48
CA GLU A 300 20.42 1.97 -9.81
C GLU A 300 19.41 2.18 -10.93
N LEU A 301 18.32 1.43 -10.91
CA LEU A 301 17.31 1.53 -11.96
C LEU A 301 16.65 2.91 -11.96
N ASN A 302 16.73 3.59 -10.83
CA ASN A 302 16.07 4.88 -10.70
C ASN A 302 17.06 6.02 -10.51
N ALA A 303 18.33 5.73 -10.73
CA ALA A 303 19.39 6.66 -10.37
C ALA A 303 19.13 8.06 -10.93
N ASP A 304 18.77 8.14 -12.20
CA ASP A 304 18.48 9.44 -12.82
C ASP A 304 17.27 10.14 -12.22
N LEU A 305 16.20 9.38 -11.97
CA LEU A 305 14.95 9.96 -11.43
C LEU A 305 15.19 10.52 -10.02
N PHE A 306 15.85 9.73 -9.19
CA PHE A 306 16.20 10.10 -7.84
C PHE A 306 17.08 11.35 -7.79
N ARG A 307 18.22 11.31 -8.47
CA ARG A 307 19.12 12.46 -8.58
C ARG A 307 18.36 13.68 -9.05
N GLY A 308 17.48 13.47 -10.02
CA GLY A 308 16.78 14.55 -10.66
C GLY A 308 15.84 15.32 -9.75
N THR A 309 15.55 14.77 -8.57
CA THR A 309 14.68 15.50 -7.64
C THR A 309 15.39 16.69 -7.04
N LEU A 310 16.72 16.69 -7.12
CA LEU A 310 17.49 17.85 -6.64
C LEU A 310 17.41 19.02 -7.62
N ASP A 311 17.00 18.76 -8.87
CA ASP A 311 16.96 19.87 -9.82
C ASP A 311 15.89 20.91 -9.42
N PRO A 312 14.67 20.46 -9.11
CA PRO A 312 13.71 21.45 -8.59
C PRO A 312 14.14 22.05 -7.27
N VAL A 313 14.92 21.33 -6.48
CA VAL A 313 15.41 21.89 -5.22
C VAL A 313 16.30 23.09 -5.53
N GLU A 314 17.15 22.94 -6.56
CA GLU A 314 18.06 24.01 -6.98
C GLU A 314 17.30 25.18 -7.60
N LYS A 315 16.31 24.87 -8.43
CA LYS A 315 15.52 25.91 -9.08
C LYS A 315 14.76 26.71 -8.02
N ALA A 316 14.27 26.02 -7.01
CA ALA A 316 13.47 26.70 -6.00
C ALA A 316 14.36 27.61 -5.15
N LEU A 317 15.58 27.16 -4.90
CA LEU A 317 16.53 27.95 -4.12
C LEU A 317 16.84 29.23 -4.89
N ARG A 318 17.31 29.09 -6.12
CA ARG A 318 17.65 30.23 -6.97
C ARG A 318 16.50 31.24 -7.08
N ASP A 319 15.31 30.75 -7.35
CA ASP A 319 14.16 31.62 -7.50
C ASP A 319 13.80 32.34 -6.19
N ALA A 320 14.18 31.75 -5.04
CA ALA A 320 13.96 32.40 -3.75
C ALA A 320 15.09 33.38 -3.40
N LYS A 321 16.13 33.38 -4.23
CA LYS A 321 17.36 34.14 -3.94
C LYS A 321 18.01 33.60 -2.67
N LEU A 322 18.02 32.28 -2.53
CA LEU A 322 18.62 31.65 -1.37
C LEU A 322 19.64 30.59 -1.74
N ASP A 323 20.69 30.53 -0.95
CA ASP A 323 21.66 29.48 -1.03
C ASP A 323 21.22 28.39 -0.06
N LYS A 324 21.53 27.14 -0.39
CA LYS A 324 21.20 26.01 0.47
C LYS A 324 21.49 26.35 1.93
N SER A 325 22.55 27.10 2.16
CA SER A 325 23.02 27.38 3.52
C SER A 325 22.09 28.29 4.31
N GLN A 326 21.07 28.84 3.66
CA GLN A 326 20.19 29.78 4.34
C GLN A 326 18.89 29.12 4.73
N ILE A 327 18.79 27.82 4.46
CA ILE A 327 17.60 27.07 4.82
C ILE A 327 17.70 26.61 6.27
N HIS A 328 16.82 27.13 7.12
CA HIS A 328 16.77 26.75 8.53
C HIS A 328 16.05 25.43 8.78
N ASP A 329 15.04 25.10 7.97
CA ASP A 329 14.26 23.86 8.17
C ASP A 329 13.94 23.12 6.86
N ILE A 330 14.26 21.83 6.83
CA ILE A 330 13.90 20.97 5.68
C ILE A 330 12.81 19.99 6.08
N VAL A 331 11.71 19.95 5.32
CA VAL A 331 10.60 19.07 5.66
C VAL A 331 10.31 18.02 4.58
N LEU A 332 10.25 16.75 4.98
CA LEU A 332 9.91 15.65 4.04
C LEU A 332 8.46 15.25 4.16
N VAL A 333 7.70 15.42 3.08
CA VAL A 333 6.33 14.97 3.05
C VAL A 333 6.05 14.14 1.79
N GLY A 334 5.01 13.32 1.82
CA GLY A 334 4.69 12.47 0.67
C GLY A 334 5.20 11.04 0.81
N GLY A 335 4.33 10.08 0.51
CA GLY A 335 4.68 8.67 0.59
C GLY A 335 6.05 8.28 0.08
N SER A 336 6.46 8.83 -1.06
CA SER A 336 7.72 8.43 -1.68
C SER A 336 8.98 8.90 -0.95
N THR A 337 8.85 9.86 -0.04
CA THR A 337 10.03 10.29 0.73
C THR A 337 10.48 9.23 1.73
N ARG A 338 9.78 8.09 1.79
CA ARG A 338 10.22 6.96 2.62
C ARG A 338 11.40 6.21 1.97
N ILE A 339 11.60 6.40 0.67
CA ILE A 339 12.72 5.75 -0.01
C ILE A 339 14.01 6.28 0.58
N PRO A 340 14.85 5.40 1.16
CA PRO A 340 16.10 5.81 1.82
C PRO A 340 16.98 6.64 0.90
N LYS A 341 17.16 6.19 -0.32
CA LYS A 341 17.98 6.91 -1.27
C LYS A 341 17.48 8.33 -1.51
N ILE A 342 16.17 8.55 -1.44
CA ILE A 342 15.69 9.91 -1.57
C ILE A 342 16.15 10.72 -0.36
N GLN A 343 15.92 10.20 0.85
CA GLN A 343 16.30 10.93 2.06
C GLN A 343 17.78 11.25 2.08
N LYS A 344 18.61 10.29 1.66
CA LYS A 344 20.05 10.49 1.67
C LYS A 344 20.45 11.58 0.68
N LEU A 345 19.94 11.50 -0.54
CA LEU A 345 20.29 12.49 -1.56
C LEU A 345 19.99 13.90 -1.06
N LEU A 346 18.87 14.06 -0.35
CA LEU A 346 18.45 15.39 0.12
C LEU A 346 19.32 15.89 1.28
N GLN A 347 19.54 15.04 2.28
CA GLN A 347 20.39 15.39 3.40
C GLN A 347 21.79 15.76 2.91
N ASP A 348 22.37 14.89 2.10
CA ASP A 348 23.69 15.13 1.52
C ASP A 348 23.74 16.49 0.85
N PHE A 349 22.73 16.77 0.03
CA PHE A 349 22.65 18.05 -0.64
C PHE A 349 22.57 19.21 0.33
N PHE A 350 22.12 18.95 1.55
CA PHE A 350 22.07 20.01 2.55
C PHE A 350 23.19 19.74 3.55
N ASN A 351 24.31 19.25 3.02
CA ASN A 351 25.54 19.05 3.80
C ASN A 351 25.35 18.45 5.18
N GLY A 352 24.45 17.47 5.28
CA GLY A 352 24.34 16.69 6.48
C GLY A 352 23.19 17.11 7.39
N LYS A 353 22.59 18.26 7.11
CA LYS A 353 21.56 18.79 7.99
C LYS A 353 20.41 17.80 8.20
N GLU A 354 19.96 17.66 9.45
CA GLU A 354 18.89 16.73 9.78
C GLU A 354 17.54 17.19 9.23
N LEU A 355 16.79 16.25 8.65
CA LEU A 355 15.50 16.51 8.04
C LEU A 355 14.37 16.35 9.05
N ASN A 356 13.33 17.20 8.95
CA ASN A 356 12.09 16.96 9.69
C ASN A 356 11.27 15.89 8.98
N LYS A 357 11.14 14.71 9.57
CA LYS A 357 10.48 13.61 8.88
C LYS A 357 9.74 12.61 9.80
N SER A 358 9.69 12.91 11.09
CA SER A 358 9.15 11.95 12.05
C SER A 358 7.65 11.78 11.89
N ILE A 359 7.00 12.78 11.31
CA ILE A 359 5.56 12.70 11.10
C ILE A 359 5.26 11.91 9.81
N ASN A 360 4.36 10.93 9.91
CA ASN A 360 3.97 10.12 8.80
C ASN A 360 3.77 11.01 7.57
N PRO A 361 4.55 10.77 6.52
CA PRO A 361 4.56 11.68 5.37
C PRO A 361 3.22 11.78 4.64
N ASP A 362 2.36 10.77 4.78
CA ASP A 362 1.04 10.80 4.17
C ASP A 362 0.08 11.63 4.99
N GLU A 363 0.48 11.96 6.21
CA GLU A 363 -0.46 12.57 7.15
C GLU A 363 -0.10 13.99 7.57
N ALA A 364 1.16 14.37 7.36
CA ALA A 364 1.65 15.63 7.89
C ALA A 364 0.77 16.80 7.46
N VAL A 365 0.33 16.78 6.21
CA VAL A 365 -0.47 17.88 5.68
C VAL A 365 -1.83 18.00 6.38
N ALA A 366 -2.52 16.88 6.54
CA ALA A 366 -3.83 16.96 7.17
C ALA A 366 -3.64 17.35 8.63
N TYR A 367 -2.52 16.91 9.19
CA TYR A 367 -2.15 17.20 10.57
C TYR A 367 -2.01 18.70 10.76
N GLY A 368 -1.23 19.34 9.89
CA GLY A 368 -1.10 20.78 9.88
C GLY A 368 -2.43 21.50 9.63
N ALA A 369 -3.23 20.95 8.72
CA ALA A 369 -4.53 21.53 8.41
C ALA A 369 -5.40 21.52 9.66
N ALA A 370 -5.33 20.43 10.43
CA ALA A 370 -6.19 20.26 11.59
C ALA A 370 -5.80 21.22 12.72
N VAL A 371 -4.50 21.38 12.93
CA VAL A 371 -3.99 22.35 13.89
C VAL A 371 -4.58 23.72 13.58
N GLN A 372 -4.39 24.13 12.33
CA GLN A 372 -4.89 25.42 11.88
C GLN A 372 -6.39 25.53 12.08
N ALA A 373 -7.12 24.46 11.80
CA ALA A 373 -8.58 24.52 11.93
C ALA A 373 -8.97 24.82 13.38
N ALA A 374 -8.25 24.20 14.31
CA ALA A 374 -8.48 24.39 15.74
C ALA A 374 -8.18 25.85 16.13
N ILE A 375 -7.06 26.39 15.65
CA ILE A 375 -6.74 27.79 15.88
C ILE A 375 -7.81 28.73 15.34
N LEU A 376 -8.32 28.44 14.14
CA LEU A 376 -9.29 29.31 13.50
C LEU A 376 -10.72 29.18 14.03
N SER A 377 -10.95 28.23 14.94
CA SER A 377 -12.32 28.01 15.42
C SER A 377 -12.52 28.39 16.88
N MET B 2 6.76 -51.38 26.92
CA MET B 2 7.67 -50.37 27.49
C MET B 2 9.15 -50.56 27.12
N ILE B 3 9.93 -49.48 27.25
CA ILE B 3 11.30 -49.43 26.77
C ILE B 3 12.21 -48.62 27.72
N ARG B 4 13.49 -48.94 27.70
CA ARG B 4 14.48 -48.25 28.53
C ARG B 4 15.22 -47.19 27.74
N VAL B 5 15.04 -45.93 28.09
CA VAL B 5 15.84 -44.88 27.46
C VAL B 5 16.83 -44.28 28.47
N ARG B 6 18.07 -44.12 28.04
CA ARG B 6 19.13 -43.65 28.92
C ARG B 6 19.57 -42.25 28.53
N ILE B 7 19.25 -41.31 29.41
CA ILE B 7 19.47 -39.90 29.17
C ILE B 7 20.65 -39.40 29.99
N LYS B 8 21.67 -38.88 29.31
CA LYS B 8 22.79 -38.29 30.03
C LYS B 8 22.52 -36.83 30.34
N TYR B 9 22.78 -36.44 31.58
CA TYR B 9 22.62 -35.07 32.05
C TYR B 9 23.84 -34.73 32.91
N GLY B 10 24.73 -33.89 32.38
CA GLY B 10 26.05 -33.75 32.98
C GLY B 10 26.80 -35.08 32.88
N ALA B 11 27.32 -35.57 34.00
CA ALA B 11 27.98 -36.89 34.01
C ALA B 11 27.06 -37.99 34.52
N VAL B 12 25.86 -37.60 34.94
CA VAL B 12 24.91 -38.56 35.47
C VAL B 12 24.03 -39.06 34.34
N TYR B 13 23.79 -40.37 34.34
CA TYR B 13 22.85 -40.96 33.39
C TYR B 13 21.60 -41.33 34.16
N HIS B 14 20.44 -40.97 33.62
CA HIS B 14 19.17 -41.41 34.19
C HIS B 14 18.47 -42.38 33.24
N GLU B 15 18.02 -43.51 33.77
CA GLU B 15 17.27 -44.46 32.97
C GLU B 15 15.78 -44.30 33.19
N ILE B 16 15.04 -44.20 32.10
CA ILE B 16 13.62 -43.96 32.16
C ILE B 16 12.88 -45.07 31.43
N ASN B 17 11.99 -45.75 32.13
CA ASN B 17 11.16 -46.78 31.51
C ASN B 17 9.94 -46.10 30.91
N ILE B 18 9.73 -46.29 29.61
CA ILE B 18 8.67 -45.57 28.93
C ILE B 18 8.17 -46.36 27.72
N SER B 19 6.90 -46.16 27.37
CA SER B 19 6.34 -46.85 26.23
C SER B 19 6.86 -46.19 24.96
N PRO B 20 7.18 -47.02 23.95
CA PRO B 20 7.76 -46.56 22.68
C PRO B 20 6.80 -45.70 21.86
N GLN B 21 5.54 -45.62 22.26
CA GLN B 21 4.58 -44.77 21.55
C GLN B 21 4.54 -43.36 22.11
N ALA B 22 5.22 -43.15 23.22
CA ALA B 22 5.22 -41.84 23.88
C ALA B 22 5.80 -40.75 22.98
N SER B 23 5.41 -39.50 23.26
CA SER B 23 6.00 -38.34 22.60
C SER B 23 7.26 -37.98 23.37
N PHE B 24 8.10 -37.12 22.81
CA PHE B 24 9.28 -36.69 23.53
C PHE B 24 8.88 -35.82 24.70
N GLY B 25 7.74 -35.13 24.57
CA GLY B 25 7.18 -34.35 25.65
C GLY B 25 6.88 -35.11 26.94
N GLU B 26 6.36 -36.33 26.82
CA GLU B 26 6.07 -37.18 27.98
C GLU B 26 7.38 -37.64 28.60
N LEU B 27 8.36 -37.96 27.74
CA LEU B 27 9.69 -38.32 28.21
C LEU B 27 10.31 -37.18 29.01
N LYS B 28 10.11 -35.96 28.54
CA LYS B 28 10.65 -34.81 29.23
C LYS B 28 9.99 -34.71 30.60
N LYS B 29 8.66 -34.87 30.62
CA LYS B 29 7.89 -34.80 31.85
C LYS B 29 8.33 -35.83 32.87
N MET B 30 8.60 -37.05 32.41
CA MET B 30 9.14 -38.11 33.25
C MET B 30 10.54 -37.80 33.76
N LEU B 31 11.22 -36.88 33.08
CA LEU B 31 12.60 -36.50 33.47
C LEU B 31 12.63 -35.42 34.54
N THR B 32 11.53 -34.71 34.71
CA THR B 32 11.53 -33.59 35.62
C THR B 32 11.85 -34.09 37.02
N GLY B 33 11.28 -35.23 37.36
CA GLY B 33 11.49 -35.84 38.66
C GLY B 33 12.96 -35.98 39.02
N PRO B 34 13.67 -36.87 38.31
CA PRO B 34 15.08 -37.14 38.65
C PRO B 34 16.08 -36.05 38.28
N THR B 35 15.68 -35.03 37.53
CA THR B 35 16.65 -34.00 37.14
C THR B 35 16.33 -32.63 37.72
N GLY B 36 15.06 -32.41 38.04
CA GLY B 36 14.63 -31.14 38.58
C GLY B 36 14.26 -30.11 37.54
N ILE B 37 14.58 -30.39 36.28
CA ILE B 37 14.31 -29.47 35.17
C ILE B 37 12.86 -29.57 34.67
N HIS B 38 12.18 -28.42 34.62
CA HIS B 38 10.84 -28.38 34.07
C HIS B 38 10.86 -28.86 32.62
N HIS B 39 9.77 -29.48 32.17
CA HIS B 39 9.76 -30.08 30.84
C HIS B 39 9.94 -29.04 29.73
N GLN B 40 9.42 -27.84 29.92
CA GLN B 40 9.51 -26.80 28.90
C GLN B 40 10.93 -26.29 28.76
N ASP B 41 11.76 -26.62 29.74
CA ASP B 41 13.13 -26.12 29.79
C ASP B 41 14.11 -27.18 29.33
N GLN B 42 13.59 -28.33 28.94
CA GLN B 42 14.45 -29.42 28.51
C GLN B 42 14.68 -29.47 27.00
N LYS B 43 15.95 -29.40 26.62
CA LYS B 43 16.39 -29.67 25.25
C LYS B 43 16.90 -31.10 25.21
N LEU B 44 16.20 -31.96 24.47
CA LEU B 44 16.63 -33.36 24.35
C LEU B 44 17.32 -33.65 23.02
N MET B 45 18.55 -34.16 23.10
CA MET B 45 19.33 -34.51 21.92
C MET B 45 19.32 -36.02 21.70
N TYR B 46 18.87 -36.45 20.52
CA TYR B 46 18.94 -37.87 20.15
C TYR B 46 19.66 -38.03 18.81
N LYS B 47 20.68 -38.89 18.77
CA LYS B 47 21.54 -39.05 17.60
C LYS B 47 21.96 -37.71 17.00
N ASP B 48 22.46 -36.82 17.87
CA ASP B 48 22.96 -35.50 17.45
C ASP B 48 21.89 -34.57 16.89
N LYS B 49 20.63 -34.86 17.18
CA LYS B 49 19.52 -34.07 16.67
C LYS B 49 18.57 -33.66 17.81
N GLU B 50 18.27 -32.38 17.88
CA GLU B 50 17.31 -31.91 18.86
C GLU B 50 15.90 -32.44 18.51
N ARG B 51 15.23 -33.01 19.50
CA ARG B 51 13.95 -33.67 19.25
C ARG B 51 12.77 -32.81 19.71
N ASP B 52 11.85 -32.55 18.79
CA ASP B 52 10.69 -31.75 19.16
C ASP B 52 9.81 -32.55 20.09
N SER B 53 9.28 -31.89 21.11
CA SER B 53 8.42 -32.54 22.09
C SER B 53 7.24 -33.23 21.42
N LYS B 54 6.83 -32.71 20.26
CA LYS B 54 5.65 -33.21 19.54
C LYS B 54 5.92 -34.52 18.81
N ALA B 55 7.19 -34.78 18.51
CA ALA B 55 7.62 -35.99 17.81
C ALA B 55 7.49 -37.21 18.69
N PHE B 56 7.31 -38.37 18.08
CA PHE B 56 7.12 -39.61 18.85
C PHE B 56 8.37 -40.49 18.86
N LEU B 57 8.62 -41.17 19.97
CA LEU B 57 9.80 -42.00 20.12
C LEU B 57 9.96 -43.09 19.05
N ASP B 58 8.97 -43.96 18.90
CA ASP B 58 9.10 -45.08 17.96
C ASP B 58 9.32 -44.64 16.51
N VAL B 59 8.49 -43.70 16.04
CA VAL B 59 8.67 -43.09 14.73
C VAL B 59 10.09 -42.56 14.55
N SER B 60 10.65 -42.04 15.64
CA SER B 60 11.93 -41.35 15.60
C SER B 60 13.14 -42.28 15.60
N GLY B 61 12.88 -43.58 15.72
CA GLY B 61 13.95 -44.55 15.76
C GLY B 61 14.28 -45.05 17.15
N VAL B 62 13.79 -44.35 18.17
CA VAL B 62 14.10 -44.70 19.54
C VAL B 62 13.75 -46.15 19.85
N LYS B 63 14.74 -46.89 20.37
CA LYS B 63 14.56 -48.29 20.73
C LYS B 63 14.92 -48.47 22.19
N ASP B 64 14.76 -49.69 22.68
CA ASP B 64 15.20 -50.03 24.02
C ASP B 64 16.72 -49.81 24.13
N LYS B 65 17.13 -49.13 25.20
CA LYS B 65 18.54 -48.84 25.44
C LYS B 65 19.11 -47.69 24.59
N SER B 66 18.22 -46.95 23.91
CA SER B 66 18.69 -45.81 23.12
C SER B 66 19.29 -44.71 24.00
N LYS B 67 20.26 -43.98 23.45
CA LYS B 67 20.99 -42.99 24.22
C LYS B 67 20.55 -41.60 23.81
N MET B 68 20.36 -40.73 24.80
CA MET B 68 20.04 -39.33 24.53
C MET B 68 20.86 -38.45 25.44
N VAL B 69 20.82 -37.15 25.18
CA VAL B 69 21.46 -36.17 26.04
C VAL B 69 20.45 -35.11 26.42
N LEU B 70 20.51 -34.66 27.67
CA LEU B 70 19.62 -33.60 28.14
C LEU B 70 20.44 -32.32 28.41
N ILE B 71 19.90 -31.21 27.96
CA ILE B 71 20.51 -29.92 28.15
C ILE B 71 19.42 -29.00 28.64
N GLU B 72 19.74 -28.22 29.66
CA GLU B 72 18.76 -27.28 30.17
C GLU B 72 18.87 -26.02 29.37
N ASP B 73 17.73 -25.42 29.03
CA ASP B 73 17.72 -24.12 28.38
C ASP B 73 16.91 -23.08 29.16
N PRO B 74 17.60 -22.22 29.92
CA PRO B 74 16.96 -21.19 30.74
C PRO B 74 16.28 -20.12 29.87
N LEU B 75 16.56 -20.16 28.56
CA LEU B 75 15.89 -19.25 27.64
C LEU B 75 14.85 -19.99 26.78
N SER B 76 14.23 -21.03 27.33
CA SER B 76 13.26 -21.80 26.53
C SER B 76 12.05 -20.98 26.11
N GLN B 77 11.61 -20.06 26.97
CA GLN B 77 10.38 -19.35 26.64
C GLN B 77 10.53 -18.55 25.35
N GLU B 78 11.67 -17.88 25.22
CA GLU B 78 12.00 -17.14 24.01
C GLU B 78 11.86 -18.06 22.81
N LYS B 79 12.36 -19.29 22.96
CA LYS B 79 12.36 -20.26 21.89
C LYS B 79 10.92 -20.77 21.62
N ARG B 80 10.10 -20.90 22.66
CA ARG B 80 8.72 -21.33 22.47
C ARG B 80 7.91 -20.28 21.69
N PHE B 81 8.14 -19.02 22.02
CA PHE B 81 7.40 -17.96 21.36
C PHE B 81 7.83 -17.78 19.91
N LEU B 82 9.11 -17.96 19.66
CA LEU B 82 9.63 -17.92 18.31
C LEU B 82 8.97 -19.00 17.43
N GLU B 83 8.86 -20.20 17.99
CA GLU B 83 8.30 -21.36 17.26
C GLU B 83 6.81 -21.22 17.03
N MET B 84 6.12 -20.68 18.02
CA MET B 84 4.69 -20.42 17.93
C MET B 84 4.43 -19.39 16.84
N ARG B 85 5.37 -18.47 16.68
CA ARG B 85 5.23 -17.38 15.74
C ARG B 85 5.29 -17.93 14.30
N LYS B 86 6.17 -18.90 14.07
CA LYS B 86 6.32 -19.55 12.77
C LYS B 86 5.08 -20.38 12.46
N ILE B 87 4.68 -21.17 13.46
CA ILE B 87 3.48 -21.99 13.37
C ILE B 87 2.27 -21.11 13.06
N ALA B 88 2.15 -20.00 13.75
CA ALA B 88 1.01 -19.09 13.54
C ALA B 88 1.04 -18.48 12.15
N LYS B 89 2.23 -18.14 11.67
CA LYS B 89 2.35 -17.54 10.34
C LYS B 89 2.05 -18.56 9.24
N THR B 90 2.59 -19.77 9.37
CA THR B 90 2.29 -20.85 8.42
C THR B 90 0.79 -21.11 8.36
N GLU B 91 0.12 -21.16 9.51
CA GLU B 91 -1.34 -21.35 9.55
C GLU B 91 -2.13 -20.23 8.92
N LYS B 92 -1.75 -18.99 9.21
CA LYS B 92 -2.45 -17.83 8.67
C LYS B 92 -2.43 -17.83 7.13
N ALA B 93 -1.25 -18.07 6.57
CA ALA B 93 -1.12 -18.11 5.12
C ALA B 93 -1.99 -19.25 4.55
N SER B 94 -1.92 -20.42 5.16
CA SER B 94 -2.68 -21.57 4.68
C SER B 94 -4.18 -21.33 4.69
N LYS B 95 -4.66 -20.74 5.79
CA LYS B 95 -6.07 -20.39 5.92
C LYS B 95 -6.46 -19.28 4.93
N ALA B 96 -5.53 -18.38 4.62
CA ALA B 96 -5.82 -17.31 3.68
C ALA B 96 -6.08 -17.86 2.28
N ILE B 97 -5.32 -18.89 1.93
CA ILE B 97 -5.45 -19.58 0.66
C ILE B 97 -6.73 -20.43 0.64
N SER B 98 -7.06 -21.03 1.77
CA SER B 98 -8.31 -21.78 1.86
C SER B 98 -9.52 -20.90 1.67
N ASP B 99 -9.48 -19.70 2.23
CA ASP B 99 -10.61 -18.77 2.09
C ASP B 99 -10.75 -18.37 0.62
N ILE B 100 -9.62 -18.08 -0.01
CA ILE B 100 -9.63 -17.74 -1.42
C ILE B 100 -10.16 -18.93 -2.22
N SER B 101 -9.73 -20.13 -1.83
CA SER B 101 -10.13 -21.36 -2.48
C SER B 101 -11.65 -21.53 -2.48
N LEU B 102 -12.29 -21.12 -1.39
CA LEU B 102 -13.74 -21.19 -1.30
C LEU B 102 -14.40 -20.15 -2.22
N GLU B 103 -13.76 -18.99 -2.34
CA GLU B 103 -14.28 -17.97 -3.27
C GLU B 103 -14.10 -18.41 -4.70
N VAL B 104 -12.96 -19.05 -4.98
CA VAL B 104 -12.73 -19.62 -6.30
C VAL B 104 -13.79 -20.72 -6.62
N ASP B 105 -14.17 -21.53 -5.63
CA ASP B 105 -15.23 -22.54 -5.84
C ASP B 105 -16.49 -21.86 -6.38
N ARG B 106 -16.85 -20.75 -5.74
CA ARG B 106 -18.10 -20.07 -6.04
C ARG B 106 -18.06 -19.41 -7.42
N LEU B 107 -16.95 -18.77 -7.75
CA LEU B 107 -16.77 -18.18 -9.07
C LEU B 107 -16.72 -19.26 -10.16
N GLY B 108 -16.11 -20.39 -9.83
CA GLY B 108 -16.05 -21.52 -10.74
C GLY B 108 -17.45 -22.09 -10.92
N GLY B 109 -18.26 -21.95 -9.86
CA GLY B 109 -19.64 -22.39 -9.95
C GLY B 109 -20.33 -21.62 -11.05
N ARG B 110 -20.05 -20.32 -11.13
CA ARG B 110 -20.65 -19.49 -12.17
C ARG B 110 -20.08 -19.77 -13.57
N VAL B 111 -18.81 -20.10 -13.65
CA VAL B 111 -18.21 -20.42 -14.93
C VAL B 111 -18.87 -21.70 -15.48
N SER B 112 -18.91 -22.74 -14.66
CA SER B 112 -19.54 -24.00 -15.03
C SER B 112 -21.00 -23.81 -15.44
N ALA B 113 -21.73 -22.99 -14.70
CA ALA B 113 -23.12 -22.71 -15.08
C ALA B 113 -23.15 -21.97 -16.42
N PHE B 114 -22.19 -21.08 -16.65
CA PHE B 114 -22.08 -20.42 -17.97
C PHE B 114 -21.87 -21.43 -19.11
N GLU B 115 -21.02 -22.43 -18.87
CA GLU B 115 -20.77 -23.47 -19.86
C GLU B 115 -22.05 -24.25 -20.16
N MET B 116 -22.73 -24.68 -19.10
CA MET B 116 -23.93 -25.47 -19.26
C MET B 116 -24.97 -24.70 -20.06
N VAL B 117 -25.19 -23.45 -19.68
CA VAL B 117 -26.19 -22.63 -20.36
C VAL B 117 -25.94 -22.62 -21.86
N THR B 118 -24.67 -22.46 -22.23
CA THR B 118 -24.25 -22.35 -23.62
C THR B 118 -24.49 -23.68 -24.33
N LYS B 119 -24.02 -24.75 -23.72
CA LYS B 119 -24.16 -26.09 -24.26
C LYS B 119 -25.63 -26.38 -24.51
N LYS B 120 -26.49 -25.80 -23.68
CA LYS B 120 -27.91 -26.11 -23.75
C LYS B 120 -28.68 -25.13 -24.61
N GLY B 121 -27.96 -24.41 -25.46
CA GLY B 121 -28.60 -23.55 -26.45
C GLY B 121 -28.80 -22.12 -25.99
N GLY B 122 -28.35 -21.80 -24.79
CA GLY B 122 -28.59 -20.47 -24.27
C GLY B 122 -27.46 -19.51 -24.56
N LYS B 123 -27.62 -18.27 -24.10
CA LYS B 123 -26.63 -17.24 -24.37
C LYS B 123 -26.31 -16.48 -23.10
N ILE B 124 -25.02 -16.23 -22.89
CA ILE B 124 -24.60 -15.48 -21.72
C ILE B 124 -24.02 -14.12 -22.15
N ALA B 125 -24.41 -13.06 -21.44
CA ALA B 125 -24.04 -11.70 -21.86
C ALA B 125 -22.54 -11.50 -21.70
N GLU B 126 -21.92 -10.88 -22.70
CA GLU B 126 -20.49 -10.66 -22.68
C GLU B 126 -20.08 -9.95 -21.39
N LYS B 127 -20.95 -9.07 -20.91
CA LYS B 127 -20.69 -8.30 -19.69
C LYS B 127 -20.55 -9.19 -18.45
N ASP B 128 -21.37 -10.22 -18.36
CA ASP B 128 -21.32 -11.15 -17.25
C ASP B 128 -20.06 -12.00 -17.31
N LEU B 129 -19.61 -12.34 -18.52
CA LEU B 129 -18.37 -13.09 -18.68
C LEU B 129 -17.21 -12.22 -18.23
N VAL B 130 -17.22 -10.96 -18.65
CA VAL B 130 -16.21 -10.00 -18.25
C VAL B 130 -16.12 -9.87 -16.72
N THR B 131 -17.26 -9.62 -16.10
CA THR B 131 -17.32 -9.46 -14.65
C THR B 131 -16.67 -10.65 -13.93
N VAL B 132 -16.99 -11.87 -14.35
CA VAL B 132 -16.44 -13.03 -13.66
C VAL B 132 -14.94 -13.17 -13.92
N ILE B 133 -14.49 -12.75 -15.09
CA ILE B 133 -13.04 -12.73 -15.38
C ILE B 133 -12.31 -11.81 -14.41
N GLU B 134 -12.85 -10.63 -14.17
CA GLU B 134 -12.19 -9.70 -13.27
C GLU B 134 -12.33 -10.11 -11.80
N LEU B 135 -13.49 -10.61 -11.42
CA LEU B 135 -13.64 -11.16 -10.07
C LEU B 135 -12.58 -12.24 -9.85
N LEU B 136 -12.31 -13.03 -10.89
CA LEU B 136 -11.28 -14.06 -10.82
C LEU B 136 -9.88 -13.47 -10.72
N MET B 137 -9.61 -12.44 -11.54
CA MET B 137 -8.33 -11.75 -11.45
C MET B 137 -8.09 -11.18 -10.05
N ASN B 138 -9.14 -10.69 -9.40
CA ASN B 138 -8.99 -10.20 -8.03
C ASN B 138 -8.54 -11.28 -7.07
N GLU B 139 -9.05 -12.51 -7.28
CA GLU B 139 -8.67 -13.62 -6.42
C GLU B 139 -7.22 -14.01 -6.69
N LEU B 140 -6.81 -13.88 -7.95
CA LEU B 140 -5.44 -14.17 -8.31
C LEU B 140 -4.49 -13.19 -7.63
N ILE B 141 -4.86 -11.90 -7.66
CA ILE B 141 -4.07 -10.87 -7.01
C ILE B 141 -3.98 -11.11 -5.50
N LYS B 142 -5.07 -11.53 -4.88
CA LYS B 142 -5.00 -11.89 -3.47
C LYS B 142 -4.00 -13.03 -3.26
N LEU B 143 -3.99 -14.01 -4.16
CA LEU B 143 -3.10 -15.16 -4.01
C LEU B 143 -1.63 -14.74 -4.07
N ASP B 144 -1.30 -13.85 -5.01
CA ASP B 144 0.07 -13.33 -5.19
C ASP B 144 0.55 -12.59 -3.95
N ALA B 145 -0.38 -12.16 -3.11
CA ALA B 145 0.00 -11.40 -1.94
C ALA B 145 0.46 -12.30 -0.78
N ILE B 146 0.26 -13.61 -0.92
CA ILE B 146 0.51 -14.55 0.18
C ILE B 146 1.92 -15.14 0.14
N VAL B 147 2.73 -14.79 1.13
CA VAL B 147 4.07 -15.33 1.24
C VAL B 147 3.97 -16.77 1.72
N ALA B 148 4.59 -17.69 0.99
CA ALA B 148 4.45 -19.11 1.27
C ALA B 148 5.63 -19.93 0.79
N GLU B 149 5.85 -21.03 1.51
CA GLU B 149 6.85 -22.04 1.16
C GLU B 149 6.25 -23.43 1.44
N GLY B 150 6.93 -24.46 0.93
CA GLY B 150 6.53 -25.84 1.18
C GLY B 150 5.12 -26.19 0.74
N ASP B 151 4.37 -26.84 1.63
CA ASP B 151 3.02 -27.28 1.31
C ASP B 151 2.07 -26.10 1.11
N VAL B 152 2.29 -25.02 1.84
CA VAL B 152 1.44 -23.86 1.67
C VAL B 152 1.63 -23.20 0.30
N LYS B 153 2.86 -23.21 -0.21
CA LYS B 153 3.10 -22.70 -1.56
C LYS B 153 2.47 -23.61 -2.61
N LEU B 154 2.52 -24.93 -2.40
CA LEU B 154 1.83 -25.87 -3.29
C LEU B 154 0.34 -25.55 -3.36
N GLN B 155 -0.26 -25.36 -2.19
CA GLN B 155 -1.61 -24.82 -2.07
C GLN B 155 -1.82 -23.53 -2.87
N ARG B 156 -0.89 -22.58 -2.75
CA ARG B 156 -1.07 -21.30 -3.42
C ARG B 156 -1.06 -21.55 -4.91
N LYS B 157 -0.10 -22.33 -5.36
CA LYS B 157 0.05 -22.56 -6.79
C LYS B 157 -1.15 -23.31 -7.39
N MET B 158 -1.75 -24.22 -6.63
CA MET B 158 -2.88 -24.97 -7.17
C MET B 158 -4.09 -24.06 -7.31
N GLN B 159 -4.26 -23.11 -6.41
CA GLN B 159 -5.37 -22.16 -6.53
C GLN B 159 -5.17 -21.21 -7.71
N VAL B 160 -3.91 -20.92 -8.01
CA VAL B 160 -3.58 -20.05 -9.12
C VAL B 160 -3.97 -20.75 -10.40
N LYS B 161 -3.62 -22.03 -10.47
CA LYS B 161 -3.97 -22.87 -11.60
C LYS B 161 -5.49 -23.04 -11.74
N ARG B 162 -6.20 -23.26 -10.63
CA ARG B 162 -7.67 -23.26 -10.72
C ARG B 162 -8.12 -21.96 -11.41
N VAL B 163 -7.71 -20.82 -10.86
CA VAL B 163 -8.12 -19.53 -11.42
C VAL B 163 -7.80 -19.39 -12.92
N GLN B 164 -6.56 -19.69 -13.32
CA GLN B 164 -6.16 -19.54 -14.71
C GLN B 164 -6.97 -20.43 -15.65
N ASN B 165 -7.37 -21.61 -15.19
CA ASN B 165 -8.21 -22.48 -15.98
C ASN B 165 -9.61 -21.91 -16.17
N TYR B 166 -10.25 -21.48 -15.09
CA TYR B 166 -11.55 -20.85 -15.20
C TYR B 166 -11.54 -19.63 -16.14
N VAL B 167 -10.46 -18.86 -16.13
CA VAL B 167 -10.35 -17.68 -16.99
C VAL B 167 -10.17 -18.08 -18.46
N GLU B 168 -9.37 -19.11 -18.69
CA GLU B 168 -9.17 -19.61 -20.05
C GLU B 168 -10.51 -20.04 -20.63
N THR B 169 -11.34 -20.64 -19.78
CA THR B 169 -12.68 -21.05 -20.20
C THR B 169 -13.51 -19.81 -20.56
N LEU B 170 -13.56 -18.86 -19.63
CA LEU B 170 -14.30 -17.64 -19.86
C LEU B 170 -13.85 -16.95 -21.13
N ASP B 171 -12.54 -16.90 -21.36
CA ASP B 171 -12.00 -16.32 -22.60
C ASP B 171 -12.53 -17.07 -23.81
N ALA B 172 -12.55 -18.40 -23.73
CA ALA B 172 -13.06 -19.19 -24.85
C ALA B 172 -14.53 -18.85 -25.10
N LEU B 173 -15.32 -18.76 -24.04
CA LEU B 173 -16.71 -18.34 -24.21
C LEU B 173 -16.80 -16.97 -24.87
N LYS B 174 -16.00 -16.02 -24.44
CA LYS B 174 -16.14 -14.68 -25.00
C LYS B 174 -15.91 -14.71 -26.49
N VAL B 175 -14.85 -15.40 -26.91
CA VAL B 175 -14.51 -15.52 -28.31
C VAL B 175 -15.66 -16.17 -29.07
N LYS B 176 -16.21 -17.25 -28.51
CA LYS B 176 -17.32 -17.96 -29.14
C LYS B 176 -18.49 -17.04 -29.45
N ASN B 177 -18.70 -16.04 -28.60
CA ASN B 177 -19.90 -15.22 -28.69
C ASN B 177 -19.71 -13.88 -29.40
N SER B 178 -18.50 -13.60 -29.86
CA SER B 178 -18.27 -12.36 -30.60
C SER B 178 -17.85 -12.60 -32.05
#